data_8VLF
#
_entry.id   8VLF
#
_cell.length_a   49.800
_cell.length_b   49.800
_cell.length_c   46.290
_cell.angle_alpha   90.000
_cell.angle_beta   90.000
_cell.angle_gamma   90.000
#
_symmetry.space_group_name_H-M   'P 43'
#
loop_
_entity.id
_entity.type
_entity.pdbx_description
1 polymer 'Histone-lysine N-methyltransferase ASH1L'
2 polymer 'Histone H3.3C'
3 non-polymer 'ZINC ION'
4 water water
#
loop_
_entity_poly.entity_id
_entity_poly.type
_entity_poly.pdbx_seq_one_letter_code
_entity_poly.pdbx_strand_id
1 'polypeptide(L)' GPLDVIRCICGLYKDEGLMIQCDKCMVWQHCDCMGVNSDVEHYLCEQCDPRPVDRE A,B
2 'polypeptide(L)' ART(M3L)QTARKSTG P,T
#
loop_
_chem_comp.id
_chem_comp.type
_chem_comp.name
_chem_comp.formula
ZN non-polymer 'ZINC ION' 'Zn 2'
#
# COMPACT_ATOMS: atom_id res chain seq x y z
N GLY A 1 12.21 3.13 -2.41
CA GLY A 1 12.85 1.83 -2.46
C GLY A 1 12.03 0.72 -1.85
N PRO A 2 12.64 -0.45 -1.67
CA PRO A 2 11.90 -1.63 -1.18
C PRO A 2 11.10 -1.41 0.09
N LEU A 3 11.63 -0.61 1.01
CA LEU A 3 10.99 -0.37 2.30
C LEU A 3 9.88 0.67 2.22
N ASP A 4 9.80 1.42 1.13
CA ASP A 4 8.75 2.42 0.95
C ASP A 4 7.60 1.77 0.21
N VAL A 5 6.38 2.07 0.66
CA VAL A 5 5.18 1.49 0.06
C VAL A 5 4.54 2.54 -0.81
N ILE A 6 4.34 2.21 -2.09
CA ILE A 6 3.57 3.03 -3.00
C ILE A 6 2.14 2.50 -3.01
N ARG A 7 1.17 3.34 -2.68
CA ARG A 7 -0.23 2.93 -2.77
C ARG A 7 -1.03 4.16 -3.19
N CYS A 8 -1.12 4.38 -4.50
CA CYS A 8 -1.82 5.52 -5.04
C CYS A 8 -3.18 5.07 -5.56
N ILE A 9 -4.07 6.04 -5.77
CA ILE A 9 -5.39 5.69 -6.30
C ILE A 9 -5.29 5.11 -7.71
N CYS A 10 -4.22 5.42 -8.44
CA CYS A 10 -4.06 4.86 -9.79
C CYS A 10 -3.75 3.36 -9.76
N GLY A 11 -3.27 2.82 -8.64
CA GLY A 11 -3.00 1.39 -8.57
C GLY A 11 -1.75 0.95 -9.29
N LEU A 12 -0.94 1.89 -9.81
CA LEU A 12 0.31 1.55 -10.47
C LEU A 12 1.44 1.68 -9.47
N TYR A 13 2.20 0.61 -9.30
CA TYR A 13 3.34 0.59 -8.37
C TYR A 13 4.54 1.14 -9.11
N LYS A 14 4.55 2.45 -9.27
CA LYS A 14 5.69 3.07 -9.95
C LYS A 14 6.09 4.36 -9.26
N ASP A 15 7.40 4.54 -9.14
CA ASP A 15 8.01 5.75 -8.61
C ASP A 15 8.16 6.71 -9.79
N GLU A 16 7.27 7.69 -9.87
CA GLU A 16 7.28 8.63 -10.99
C GLU A 16 6.81 9.99 -10.50
N GLY A 17 7.51 11.03 -10.91
CA GLY A 17 7.06 12.39 -10.66
C GLY A 17 7.17 12.76 -9.20
N LEU A 18 6.52 13.88 -8.86
CA LEU A 18 6.42 14.30 -7.48
C LEU A 18 5.46 13.37 -6.73
N MET A 19 5.93 12.84 -5.62
CA MET A 19 5.13 11.93 -4.83
C MET A 19 5.07 12.47 -3.42
N ILE A 20 4.00 12.12 -2.71
CA ILE A 20 3.73 12.67 -1.38
C ILE A 20 3.37 11.52 -0.45
N GLN A 21 3.79 11.63 0.81
CA GLN A 21 3.60 10.56 1.78
C GLN A 21 2.43 10.88 2.70
N CYS A 22 1.59 9.88 2.95
CA CYS A 22 0.54 10.02 3.94
C CYS A 22 1.15 10.16 5.33
N ASP A 23 0.71 11.18 6.06
CA ASP A 23 1.27 11.46 7.39
C ASP A 23 1.04 10.30 8.35
N LYS A 24 -0.03 9.53 8.17
CA LYS A 24 -0.45 8.53 9.14
C LYS A 24 -0.04 7.12 8.76
N CYS A 25 -0.45 6.63 7.59
CA CYS A 25 -0.16 5.26 7.18
C CYS A 25 1.15 5.12 6.39
N MET A 26 1.75 6.22 5.97
CA MET A 26 3.09 6.28 5.36
C MET A 26 3.18 5.81 3.92
N VAL A 27 2.06 5.49 3.27
CA VAL A 27 2.14 5.19 1.84
C VAL A 27 2.47 6.43 1.03
N TRP A 28 3.03 6.20 -0.14
CA TRP A 28 3.36 7.25 -1.08
C TRP A 28 2.35 7.25 -2.24
N GLN A 29 1.96 8.44 -2.66
CA GLN A 29 0.99 8.61 -3.73
C GLN A 29 1.53 9.64 -4.72
N HIS A 30 1.07 9.56 -5.97
CA HIS A 30 1.49 10.55 -6.96
C HIS A 30 0.70 11.84 -6.73
N CYS A 31 1.41 12.96 -6.61
CA CYS A 31 0.74 14.23 -6.42
C CYS A 31 -0.27 14.51 -7.53
N ASP A 32 0.08 14.20 -8.78
CA ASP A 32 -0.83 14.46 -9.88
C ASP A 32 -2.11 13.63 -9.80
N CYS A 33 -1.98 12.36 -9.38
CA CYS A 33 -3.18 11.53 -9.25
C CYS A 33 -4.08 12.05 -8.15
N MET A 34 -3.48 12.57 -7.09
CA MET A 34 -4.25 13.00 -5.92
C MET A 34 -4.66 14.46 -5.96
N GLY A 35 -4.18 15.24 -6.92
CA GLY A 35 -4.56 16.63 -7.02
C GLY A 35 -3.91 17.58 -6.02
N VAL A 36 -2.67 17.29 -5.59
CA VAL A 36 -1.94 18.10 -4.62
C VAL A 36 -0.54 18.41 -5.17
N ASN A 37 0.20 19.23 -4.41
CA ASN A 37 1.60 19.54 -4.71
C ASN A 37 2.38 19.71 -3.41
N SER A 38 3.67 20.02 -3.55
CA SER A 38 4.55 20.10 -2.37
C SER A 38 4.26 21.30 -1.49
N ASP A 39 3.23 22.08 -1.78
CA ASP A 39 2.94 23.26 -0.98
C ASP A 39 2.04 22.96 0.21
N VAL A 40 1.39 21.80 0.24
CA VAL A 40 0.47 21.50 1.34
C VAL A 40 1.27 21.21 2.62
N GLU A 41 0.73 21.67 3.75
CA GLU A 41 1.43 21.51 5.02
C GLU A 41 1.35 20.10 5.56
N HIS A 42 0.18 19.48 5.43
CA HIS A 42 -0.01 18.10 5.88
C HIS A 42 -0.76 17.35 4.79
N TYR A 43 -0.63 16.02 4.80
CA TYR A 43 -1.26 15.21 3.78
C TYR A 43 -1.74 13.90 4.38
N LEU A 44 -2.98 13.51 4.04
CA LEU A 44 -3.51 12.18 4.30
C LEU A 44 -4.02 11.55 3.02
N CYS A 45 -3.82 10.25 2.87
CA CYS A 45 -4.32 9.53 1.71
C CYS A 45 -5.85 9.44 1.76
N GLU A 46 -6.42 8.88 0.68
CA GLU A 46 -7.86 8.75 0.50
C GLU A 46 -8.45 7.60 1.31
N GLN A 47 -7.64 6.74 1.91
CA GLN A 47 -8.17 5.75 2.84
C GLN A 47 -8.17 6.30 4.27
N CYS A 48 -7.13 7.04 4.64
CA CYS A 48 -7.11 7.69 5.95
C CYS A 48 -8.13 8.82 6.03
N ASP A 49 -8.45 9.47 4.91
CA ASP A 49 -9.38 10.59 4.86
C ASP A 49 -10.23 10.48 3.60
N PRO A 50 -11.29 9.66 3.64
CA PRO A 50 -12.07 9.40 2.42
C PRO A 50 -12.64 10.68 1.83
N ARG A 51 -12.55 10.80 0.50
CA ARG A 51 -13.02 11.99 -0.19
C ARG A 51 -13.05 11.74 -1.69
N PRO A 52 -13.88 12.47 -2.45
CA PRO A 52 -13.72 12.47 -3.90
C PRO A 52 -12.31 12.93 -4.27
N VAL A 53 -11.76 12.35 -5.31
CA VAL A 53 -10.46 12.80 -5.81
C VAL A 53 -10.55 13.36 -7.22
N GLY B 1 -7.20 -2.06 10.40
CA GLY B 1 -7.62 -0.72 10.79
C GLY B 1 -6.86 0.37 10.07
N PRO B 2 -7.13 1.63 10.45
CA PRO B 2 -6.53 2.77 9.74
C PRO B 2 -5.02 2.73 9.60
N LEU B 3 -4.31 2.20 10.59
CA LEU B 3 -2.86 2.13 10.54
C LEU B 3 -2.33 0.94 9.77
N ASP B 4 -3.18 -0.01 9.41
CA ASP B 4 -2.77 -1.18 8.63
C ASP B 4 -2.98 -0.84 7.17
N VAL B 5 -1.99 -1.14 6.34
CA VAL B 5 -2.05 -0.82 4.92
C VAL B 5 -2.43 -2.09 4.16
N ILE B 6 -3.51 -2.03 3.40
CA ILE B 6 -3.90 -3.10 2.49
C ILE B 6 -3.33 -2.76 1.11
N ARG B 7 -2.49 -3.62 0.56
CA ARG B 7 -2.00 -3.41 -0.81
C ARG B 7 -1.89 -4.78 -1.45
N CYS B 8 -2.98 -5.26 -2.03
CA CYS B 8 -3.01 -6.55 -2.68
C CYS B 8 -2.92 -6.37 -4.19
N ILE B 9 -2.59 -7.46 -4.89
CA ILE B 9 -2.54 -7.40 -6.35
C ILE B 9 -3.90 -7.09 -6.96
N CYS B 10 -4.99 -7.38 -6.25
CA CYS B 10 -6.32 -7.09 -6.78
C CYS B 10 -6.62 -5.59 -6.80
N GLY B 11 -5.90 -4.79 -6.01
CA GLY B 11 -6.13 -3.35 -5.99
C GLY B 11 -7.37 -2.90 -5.25
N LEU B 12 -8.08 -3.81 -4.57
CA LEU B 12 -9.26 -3.46 -3.80
C LEU B 12 -8.85 -3.26 -2.34
N TYR B 13 -9.17 -2.09 -1.80
CA TYR B 13 -8.84 -1.74 -0.42
C TYR B 13 -9.95 -2.28 0.46
N LYS B 14 -9.91 -3.59 0.69
CA LYS B 14 -10.96 -4.22 1.47
C LYS B 14 -10.41 -5.32 2.36
N ASP B 15 -10.89 -5.31 3.60
CA ASP B 15 -10.53 -6.30 4.60
C ASP B 15 -11.53 -7.43 4.45
N GLU B 16 -11.10 -8.52 3.81
CA GLU B 16 -11.97 -9.64 3.51
C GLU B 16 -11.16 -10.92 3.56
N GLY B 17 -11.71 -11.94 4.20
CA GLY B 17 -11.12 -13.26 4.16
C GLY B 17 -9.82 -13.33 4.95
N LEU B 18 -9.13 -14.44 4.75
CA LEU B 18 -7.79 -14.60 5.30
C LEU B 18 -6.81 -13.67 4.58
N MET B 19 -6.10 -12.89 5.35
CA MET B 19 -5.17 -11.93 4.81
C MET B 19 -3.82 -12.19 5.46
N ILE B 20 -2.75 -11.84 4.74
CA ILE B 20 -1.38 -12.16 5.15
C ILE B 20 -0.53 -10.91 5.00
N GLN B 21 0.41 -10.73 5.91
CA GLN B 21 1.23 -9.52 5.95
C GLN B 21 2.61 -9.81 5.36
N CYS B 22 3.10 -8.88 4.53
CA CYS B 22 4.45 -8.99 4.01
C CYS B 22 5.45 -8.78 5.16
N ASP B 23 6.41 -9.69 5.27
CA ASP B 23 7.38 -9.63 6.35
C ASP B 23 8.22 -8.36 6.32
N LYS B 24 8.43 -7.79 5.14
CA LYS B 24 9.35 -6.67 4.97
C LYS B 24 8.66 -5.31 4.93
N CYS B 25 7.72 -5.10 4.00
CA CYS B 25 7.08 -3.80 3.85
C CYS B 25 5.79 -3.65 4.65
N MET B 26 5.30 -4.74 5.25
CA MET B 26 4.16 -4.73 6.19
C MET B 26 2.78 -4.56 5.56
N VAL B 27 2.66 -4.52 4.23
CA VAL B 27 1.33 -4.46 3.64
C VAL B 27 0.59 -5.79 3.83
N TRP B 28 -0.73 -5.72 3.81
CA TRP B 28 -1.60 -6.88 3.91
C TRP B 28 -2.18 -7.21 2.54
N GLN B 29 -2.24 -8.50 2.24
CA GLN B 29 -2.73 -8.99 0.97
C GLN B 29 -3.73 -10.12 1.23
N HIS B 30 -4.65 -10.33 0.29
CA HIS B 30 -5.59 -11.43 0.42
C HIS B 30 -4.91 -12.74 0.06
N CYS B 31 -4.98 -13.72 0.95
CA CYS B 31 -4.35 -15.00 0.68
C CYS B 31 -4.85 -15.61 -0.63
N ASP B 32 -6.16 -15.50 -0.89
CA ASP B 32 -6.70 -16.06 -2.12
C ASP B 32 -6.15 -15.38 -3.37
N CYS B 33 -5.99 -14.05 -3.34
CA CYS B 33 -5.44 -13.37 -4.50
C CYS B 33 -3.99 -13.78 -4.74
N MET B 34 -3.25 -14.04 -3.68
CA MET B 34 -1.83 -14.32 -3.79
C MET B 34 -1.50 -15.80 -3.89
N GLY B 35 -2.47 -16.69 -3.69
CA GLY B 35 -2.22 -18.11 -3.80
C GLY B 35 -1.55 -18.78 -2.61
N VAL B 36 -1.73 -18.24 -1.40
CA VAL B 36 -1.11 -18.76 -0.18
C VAL B 36 -2.18 -19.01 0.88
N ASN B 37 -1.75 -19.57 2.02
CA ASN B 37 -2.62 -19.73 3.19
C ASN B 37 -1.78 -19.57 4.47
N SER B 38 -2.43 -19.76 5.62
CA SER B 38 -1.69 -19.51 6.88
C SER B 38 -0.63 -20.58 7.18
N ASP B 39 -0.36 -21.50 6.27
CA ASP B 39 0.62 -22.55 6.53
C ASP B 39 2.04 -22.12 6.21
N VAL B 40 2.23 -21.05 5.43
CA VAL B 40 3.58 -20.64 5.04
C VAL B 40 4.31 -20.06 6.24
N GLU B 41 5.61 -20.34 6.33
CA GLU B 41 6.43 -19.84 7.43
C GLU B 41 6.70 -18.35 7.30
N HIS B 42 7.09 -17.92 6.10
CA HIS B 42 7.40 -16.52 5.85
C HIS B 42 6.66 -16.08 4.60
N TYR B 43 6.44 -14.77 4.47
CA TYR B 43 5.73 -14.25 3.32
C TYR B 43 6.32 -12.92 2.88
N LEU B 44 6.51 -12.76 1.57
CA LEU B 44 6.85 -11.49 0.95
C LEU B 44 5.85 -11.18 -0.15
N CYS B 45 5.47 -9.91 -0.26
CA CYS B 45 4.58 -9.48 -1.32
C CYS B 45 5.29 -9.54 -2.68
N GLU B 46 4.51 -9.27 -3.74
CA GLU B 46 4.96 -9.35 -5.12
C GLU B 46 5.79 -8.15 -5.55
N GLN B 47 5.89 -7.10 -4.74
CA GLN B 47 6.84 -6.04 -5.00
C GLN B 47 8.17 -6.31 -4.30
N CYS B 48 8.13 -6.84 -3.08
CA CYS B 48 9.36 -7.22 -2.38
C CYS B 48 10.03 -8.43 -3.03
N ASP B 49 9.23 -9.33 -3.63
CA ASP B 49 9.73 -10.57 -4.23
C ASP B 49 8.96 -10.81 -5.52
N PRO B 50 9.35 -10.13 -6.60
CA PRO B 50 8.54 -10.16 -7.83
C PRO B 50 8.48 -11.56 -8.42
N ARG B 51 7.30 -11.91 -8.94
CA ARG B 51 7.04 -13.27 -9.39
C ARG B 51 5.69 -13.28 -10.11
N PRO B 52 5.45 -14.28 -10.95
CA PRO B 52 4.09 -14.49 -11.47
C PRO B 52 3.16 -14.92 -10.34
N VAL B 53 1.97 -14.33 -10.32
CA VAL B 53 0.98 -14.69 -9.31
C VAL B 53 -0.23 -15.37 -9.94
N ALA C 1 4.28 -16.71 9.11
CA ALA C 1 3.78 -15.46 8.56
C ALA C 1 2.62 -14.94 9.42
N ARG C 2 2.46 -13.62 9.48
CA ARG C 2 1.35 -13.04 10.23
C ARG C 2 0.10 -13.03 9.37
N THR C 3 -0.97 -13.60 9.89
CA THR C 3 -2.24 -13.64 9.18
C THR C 3 -3.37 -13.12 10.06
N M3L C 4 -4.50 -12.85 9.41
CA M3L C 4 -5.66 -12.41 10.13
CB M3L C 4 -5.67 -10.89 10.42
CG M3L C 4 -5.87 -10.05 9.19
CD M3L C 4 -5.77 -8.56 9.48
CE M3L C 4 -6.04 -7.82 8.19
NZ M3L C 4 -6.19 -6.31 8.31
C M3L C 4 -6.90 -12.76 9.34
O M3L C 4 -6.88 -13.00 8.13
CM1 M3L C 4 -4.99 -5.72 8.98
CM2 M3L C 4 -7.42 -5.94 9.08
CM3 M3L C 4 -6.30 -5.80 6.90
N GLN C 5 -8.02 -12.82 10.06
CA GLN C 5 -9.33 -12.90 9.45
C GLN C 5 -10.32 -12.21 10.38
N THR C 6 -10.70 -10.99 9.98
CA THR C 6 -11.45 -10.11 10.89
C THR C 6 -12.84 -10.66 11.18
N ALA C 7 -13.58 -11.05 10.14
CA ALA C 7 -14.96 -11.50 10.31
C ALA C 7 -15.09 -13.00 10.12
N ARG C 8 -14.35 -13.78 10.90
CA ARG C 8 -14.33 -15.22 10.71
C ARG C 8 -15.61 -15.86 11.21
N LYS C 9 -16.13 -16.82 10.45
CA LYS C 9 -17.36 -17.50 10.80
C LYS C 9 -17.08 -18.58 11.84
N SER C 10 -17.88 -18.61 12.90
CA SER C 10 -17.65 -19.48 14.04
C SER C 10 -18.79 -20.48 14.21
N THR C 11 -18.48 -21.58 14.90
CA THR C 11 -19.45 -22.63 15.16
C THR C 11 -20.31 -22.34 16.39
N GLY C 12 -19.91 -21.38 17.22
CA GLY C 12 -20.59 -21.15 18.48
C GLY C 12 -21.69 -20.10 18.41
N ALA D 1 4.33 18.73 4.34
CA ALA D 1 4.21 17.29 4.13
C ALA D 1 5.46 16.74 3.48
N ARG D 2 5.70 15.43 3.59
CA ARG D 2 6.91 14.85 3.04
C ARG D 2 6.70 14.50 1.57
N THR D 3 7.58 15.03 0.72
CA THR D 3 7.50 14.76 -0.70
C THR D 3 8.84 14.29 -1.24
N M3L D 4 8.81 13.75 -2.46
CA M3L D 4 10.01 13.32 -3.10
CB M3L D 4 10.46 11.91 -2.68
CG M3L D 4 9.57 10.83 -3.27
CD M3L D 4 9.94 9.44 -2.76
CE M3L D 4 9.04 8.43 -3.46
NZ M3L D 4 9.37 6.98 -3.21
C M3L D 4 9.83 13.36 -4.60
O M3L D 4 8.73 13.40 -5.15
CM1 M3L D 4 9.47 6.73 -1.74
CM2 M3L D 4 10.64 6.57 -3.90
CM3 M3L D 4 8.22 6.21 -3.78
N GLN D 5 10.97 13.36 -5.29
CA GLN D 5 10.98 13.25 -6.73
C GLN D 5 12.31 12.61 -7.13
N THR D 6 12.27 11.30 -7.41
CA THR D 6 13.52 10.54 -7.56
C THR D 6 14.30 10.95 -8.80
N ALA D 7 13.63 11.11 -9.95
CA ALA D 7 14.34 11.38 -11.19
C ALA D 7 14.06 12.78 -11.70
N ARG D 8 14.42 13.79 -10.92
CA ARG D 8 14.05 15.16 -11.25
C ARG D 8 15.00 15.78 -12.25
N LYS D 9 14.44 16.51 -13.21
CA LYS D 9 15.23 17.19 -14.24
C LYS D 9 16.03 18.32 -13.61
N SER D 10 17.31 18.40 -13.94
CA SER D 10 18.15 19.48 -13.46
C SER D 10 18.62 20.35 -14.61
N THR D 11 18.79 21.64 -14.31
CA THR D 11 19.32 22.59 -15.28
C THR D 11 20.83 22.47 -15.44
N GLY D 12 21.51 21.75 -14.56
CA GLY D 12 22.96 21.76 -14.49
C GLY D 12 23.69 20.91 -15.52
ZN ZN E . -3.00 6.98 4.80
ZN ZN F . -0.96 7.50 -8.97
ZN ZN G . -6.66 -9.13 -3.18
ZN ZN H . 6.44 -6.27 0.66
#